data_2LCM
#
_entry.id   2LCM
#
_entity_poly.entity_id   1
_entity_poly.type   'polypeptide(L)'
_entity_poly.pdbx_seq_one_letter_code
;KDINTIKSLRVLRVLRPLKTIKRLPKLK
;
_entity_poly.pdbx_strand_id   A
#
# COMPACT_ATOMS: atom_id res chain seq x y z
N LYS A 1 -2.72 10.99 16.98
CA LYS A 1 -2.85 9.69 16.32
C LYS A 1 -1.77 8.80 16.85
N ASP A 2 -1.48 7.73 16.17
CA ASP A 2 -0.45 6.81 16.61
C ASP A 2 0.48 6.60 15.46
N ILE A 3 1.69 6.18 15.72
CA ILE A 3 2.68 5.97 14.69
C ILE A 3 2.23 4.85 13.79
N ASN A 4 1.51 3.90 14.36
CA ASN A 4 0.98 2.80 13.59
C ASN A 4 -0.12 3.25 12.65
N THR A 5 -0.94 4.19 13.08
CA THR A 5 -1.98 4.67 12.21
C THR A 5 -1.39 5.58 11.14
N ILE A 6 -0.20 6.07 11.39
CA ILE A 6 0.54 6.81 10.39
C ILE A 6 1.11 5.81 9.40
N LYS A 7 1.39 4.60 9.86
CA LYS A 7 1.83 3.56 8.99
C LYS A 7 0.66 2.96 8.25
N SER A 8 -0.54 3.29 8.66
CA SER A 8 -1.72 2.88 7.93
C SER A 8 -1.79 3.73 6.66
N LEU A 9 -1.34 4.97 6.78
CA LEU A 9 -1.31 5.91 5.68
C LEU A 9 -0.19 5.52 4.74
N ARG A 10 0.85 4.98 5.31
CA ARG A 10 2.00 4.54 4.55
C ARG A 10 1.73 3.17 3.91
N VAL A 11 1.65 2.15 4.74
CA VAL A 11 1.57 0.76 4.33
C VAL A 11 0.36 0.49 3.43
N LEU A 12 -0.76 1.15 3.67
CA LEU A 12 -1.92 0.92 2.81
C LEU A 12 -1.76 1.58 1.48
N ARG A 13 -1.05 2.67 1.49
CA ARG A 13 -0.70 3.38 0.27
C ARG A 13 0.57 2.79 -0.34
N VAL A 14 1.01 1.71 0.25
CA VAL A 14 2.06 0.92 -0.33
C VAL A 14 1.45 -0.33 -0.96
N LEU A 15 0.80 -1.14 -0.13
CA LEU A 15 0.25 -2.42 -0.55
C LEU A 15 -0.75 -2.31 -1.67
N ARG A 16 -1.75 -1.53 -1.46
CA ARG A 16 -2.84 -1.42 -2.35
C ARG A 16 -2.46 -0.83 -3.74
N PRO A 17 -1.75 0.33 -3.83
CA PRO A 17 -1.40 0.93 -5.11
C PRO A 17 -0.41 0.06 -5.84
N LEU A 18 0.44 -0.64 -5.09
CA LEU A 18 1.45 -1.44 -5.70
C LEU A 18 0.87 -2.66 -6.28
N LYS A 19 -0.16 -3.19 -5.69
CA LYS A 19 -0.84 -4.33 -6.26
C LYS A 19 -1.55 -3.97 -7.50
N THR A 20 -1.96 -2.76 -7.54
CA THR A 20 -2.65 -2.27 -8.67
C THR A 20 -1.64 -2.00 -9.85
N ILE A 21 -0.39 -1.71 -9.51
CA ILE A 21 0.65 -1.47 -10.52
C ILE A 21 1.37 -2.76 -10.82
N LYS A 22 2.00 -3.28 -9.79
CA LYS A 22 2.84 -4.47 -9.87
C LYS A 22 2.07 -5.75 -10.24
N ARG A 23 0.74 -5.70 -10.31
CA ARG A 23 -0.01 -6.85 -10.82
C ARG A 23 0.38 -7.16 -12.27
N LEU A 24 0.91 -6.17 -12.97
CA LEU A 24 1.26 -6.34 -14.35
C LEU A 24 2.58 -7.17 -14.56
N PRO A 25 3.76 -6.75 -14.00
CA PRO A 25 5.00 -7.49 -14.21
C PRO A 25 5.40 -8.40 -13.03
N LYS A 26 4.57 -8.41 -12.05
CA LYS A 26 4.83 -9.15 -10.81
C LYS A 26 3.57 -9.87 -10.35
N LEU A 27 2.73 -10.25 -11.30
CA LEU A 27 1.48 -10.95 -11.00
C LEU A 27 1.67 -12.18 -10.09
N LYS A 28 0.85 -12.24 -9.08
CA LYS A 28 0.93 -13.27 -8.09
C LYS A 28 -0.46 -13.76 -7.75
N LYS A 1 -0.61 4.86 18.81
CA LYS A 1 -1.51 5.21 17.70
C LYS A 1 -0.73 5.59 16.43
N ASP A 2 0.09 6.65 16.52
CA ASP A 2 0.83 7.26 15.40
C ASP A 2 1.54 6.27 14.52
N ILE A 3 2.32 5.40 15.14
CA ILE A 3 3.15 4.43 14.43
C ILE A 3 2.28 3.57 13.53
N ASN A 4 1.22 3.04 14.09
CA ASN A 4 0.34 2.16 13.35
C ASN A 4 -0.46 2.95 12.32
N THR A 5 -0.75 4.20 12.65
CA THR A 5 -1.46 5.06 11.74
C THR A 5 -0.62 5.30 10.51
N ILE A 6 0.68 5.52 10.70
CA ILE A 6 1.58 5.74 9.59
C ILE A 6 1.77 4.44 8.82
N LYS A 7 1.68 3.33 9.53
CA LYS A 7 1.75 2.03 8.92
C LYS A 7 0.45 1.73 8.17
N SER A 8 -0.56 2.55 8.37
CA SER A 8 -1.76 2.35 7.63
C SER A 8 -1.83 3.42 6.55
N LEU A 9 -1.30 4.56 6.86
CA LEU A 9 -1.30 5.69 6.00
C LEU A 9 -0.36 5.47 4.82
N ARG A 10 0.77 4.92 5.08
CA ARG A 10 1.70 4.64 4.02
C ARG A 10 1.51 3.25 3.50
N VAL A 11 1.72 2.28 4.37
CA VAL A 11 1.70 0.88 3.99
C VAL A 11 0.38 0.43 3.34
N LEU A 12 -0.77 1.00 3.74
CA LEU A 12 -2.01 0.57 3.16
C LEU A 12 -2.22 1.26 1.81
N ARG A 13 -1.55 2.35 1.67
CA ARG A 13 -1.55 3.10 0.43
C ARG A 13 -0.48 2.53 -0.48
N VAL A 14 0.24 1.56 0.04
CA VAL A 14 1.19 0.84 -0.76
C VAL A 14 0.56 -0.48 -1.19
N LEU A 15 0.09 -1.24 -0.21
CA LEU A 15 -0.42 -2.58 -0.43
C LEU A 15 -1.66 -2.63 -1.29
N ARG A 16 -2.53 -1.68 -1.15
CA ARG A 16 -3.73 -1.69 -1.99
C ARG A 16 -3.42 -1.35 -3.46
N PRO A 17 -2.95 -0.12 -3.78
CA PRO A 17 -2.83 0.32 -5.15
C PRO A 17 -1.73 -0.38 -5.90
N LEU A 18 -0.60 -0.65 -5.24
CA LEU A 18 0.51 -1.22 -5.95
C LEU A 18 0.31 -2.66 -6.24
N LYS A 19 -0.57 -3.29 -5.53
CA LYS A 19 -0.87 -4.67 -5.84
C LYS A 19 -1.81 -4.76 -6.94
N THR A 20 -2.66 -3.78 -7.04
CA THR A 20 -3.52 -3.70 -8.16
C THR A 20 -2.70 -3.38 -9.44
N ILE A 21 -1.83 -2.40 -9.35
CA ILE A 21 -0.98 -2.00 -10.47
C ILE A 21 -0.04 -3.13 -10.81
N LYS A 22 0.74 -3.49 -9.82
CA LYS A 22 1.72 -4.55 -10.00
C LYS A 22 1.16 -5.95 -10.28
N ARG A 23 -0.15 -6.21 -10.19
CA ARG A 23 -0.61 -7.53 -10.57
C ARG A 23 -0.58 -7.77 -12.10
N LEU A 24 -0.14 -6.78 -12.84
CA LEU A 24 0.09 -6.95 -14.26
C LEU A 24 1.55 -7.42 -14.54
N PRO A 25 2.62 -6.69 -14.05
CA PRO A 25 4.03 -7.14 -14.22
C PRO A 25 4.47 -8.21 -13.22
N LYS A 26 3.60 -8.49 -12.31
CA LYS A 26 3.79 -9.51 -11.27
C LYS A 26 2.59 -10.43 -11.31
N LEU A 27 2.42 -11.24 -10.29
CA LEU A 27 1.30 -12.15 -10.24
C LEU A 27 0.56 -12.05 -8.92
N LYS A 28 -0.75 -12.08 -8.99
CA LYS A 28 -1.62 -12.06 -7.85
C LYS A 28 -3.01 -12.44 -8.34
N LYS A 1 -3.12 5.14 17.79
CA LYS A 1 -2.74 6.54 17.78
C LYS A 1 -1.80 6.82 16.60
N ASP A 2 -1.16 8.00 16.62
CA ASP A 2 -0.32 8.58 15.53
C ASP A 2 0.48 7.60 14.70
N ILE A 3 1.25 6.74 15.33
CA ILE A 3 2.13 5.81 14.60
C ILE A 3 1.29 4.86 13.75
N ASN A 4 0.21 4.40 14.31
CA ASN A 4 -0.65 3.49 13.60
C ASN A 4 -1.52 4.23 12.59
N THR A 5 -1.70 5.52 12.80
CA THR A 5 -2.36 6.35 11.83
C THR A 5 -1.46 6.44 10.60
N ILE A 6 -0.16 6.51 10.83
CA ILE A 6 0.82 6.50 9.75
C ILE A 6 0.82 5.14 9.09
N LYS A 7 0.58 4.10 9.88
CA LYS A 7 0.45 2.75 9.37
C LYS A 7 -0.79 2.66 8.50
N SER A 8 -1.69 3.58 8.67
CA SER A 8 -2.86 3.57 7.87
C SER A 8 -2.68 4.49 6.64
N LEU A 9 -2.42 5.76 6.88
CA LEU A 9 -2.32 6.74 5.80
C LEU A 9 -1.17 6.51 4.83
N ARG A 10 -0.18 5.78 5.25
CA ARG A 10 0.87 5.43 4.34
C ARG A 10 0.67 4.01 3.82
N VAL A 11 0.68 3.04 4.73
CA VAL A 11 0.64 1.63 4.35
C VAL A 11 -0.62 1.25 3.58
N LEU A 12 -1.76 1.81 3.93
CA LEU A 12 -3.00 1.47 3.23
C LEU A 12 -3.09 2.21 1.91
N ARG A 13 -2.31 3.25 1.83
CA ARG A 13 -2.19 4.02 0.61
C ARG A 13 -1.12 3.39 -0.26
N VAL A 14 -0.50 2.34 0.27
CA VAL A 14 0.40 1.52 -0.51
C VAL A 14 -0.38 0.29 -0.98
N LEU A 15 -0.95 -0.41 -0.02
CA LEU A 15 -1.62 -1.69 -0.26
C LEU A 15 -2.76 -1.62 -1.24
N ARG A 16 -3.64 -0.69 -1.07
CA ARG A 16 -4.78 -0.58 -1.97
C ARG A 16 -4.38 -0.18 -3.40
N PRO A 17 -3.76 1.01 -3.62
CA PRO A 17 -3.50 1.49 -4.96
C PRO A 17 -2.44 0.68 -5.66
N LEU A 18 -1.41 0.26 -4.95
CA LEU A 18 -0.32 -0.39 -5.62
C LEU A 18 -0.64 -1.79 -5.97
N LYS A 19 -1.53 -2.40 -5.26
CA LYS A 19 -1.93 -3.76 -5.64
C LYS A 19 -2.88 -3.72 -6.77
N THR A 20 -3.55 -2.65 -6.88
CA THR A 20 -4.39 -2.44 -8.01
C THR A 20 -3.50 -2.32 -9.29
N ILE A 21 -2.31 -1.74 -9.12
CA ILE A 21 -1.37 -1.53 -10.22
C ILE A 21 -0.50 -2.75 -10.41
N LYS A 22 0.31 -3.01 -9.42
CA LYS A 22 1.31 -4.08 -9.44
C LYS A 22 0.74 -5.46 -9.70
N ARG A 23 -0.55 -5.70 -9.44
CA ARG A 23 -1.08 -7.03 -9.71
C ARG A 23 -1.30 -7.29 -11.20
N LEU A 24 -1.02 -6.28 -12.01
CA LEU A 24 -1.06 -6.44 -13.45
C LEU A 24 0.31 -6.95 -13.97
N PRO A 25 1.49 -6.29 -13.64
CA PRO A 25 2.80 -6.81 -14.03
C PRO A 25 3.31 -7.89 -13.08
N LYS A 26 2.49 -8.25 -12.16
CA LYS A 26 2.78 -9.34 -11.25
C LYS A 26 2.51 -10.60 -12.03
N LEU A 27 3.56 -11.30 -12.40
CA LEU A 27 3.44 -12.50 -13.21
C LEU A 27 2.58 -13.53 -12.51
N LYS A 28 3.08 -14.00 -11.41
CA LYS A 28 2.44 -14.98 -10.58
C LYS A 28 3.23 -15.13 -9.32
N LYS A 1 -1.11 3.94 19.69
CA LYS A 1 -1.68 5.25 19.39
C LYS A 1 -1.74 5.46 17.89
N ASP A 2 -2.30 6.58 17.48
CA ASP A 2 -2.60 6.85 16.08
C ASP A 2 -1.41 7.04 15.18
N ILE A 3 -0.23 7.15 15.72
CA ILE A 3 0.93 7.16 14.92
C ILE A 3 1.16 5.81 14.23
N ASN A 4 0.53 4.76 14.76
CA ASN A 4 0.55 3.45 14.12
C ASN A 4 -0.55 3.42 13.08
N THR A 5 -1.62 4.17 13.36
CA THR A 5 -2.71 4.30 12.44
C THR A 5 -2.21 5.01 11.17
N ILE A 6 -1.18 5.81 11.30
CA ILE A 6 -0.57 6.47 10.15
C ILE A 6 0.12 5.43 9.27
N LYS A 7 0.56 4.35 9.88
CA LYS A 7 1.12 3.25 9.13
C LYS A 7 -0.03 2.51 8.48
N SER A 8 -1.20 2.60 9.05
CA SER A 8 -2.35 1.97 8.48
C SER A 8 -2.77 2.74 7.25
N LEU A 9 -2.83 4.05 7.39
CA LEU A 9 -3.11 4.93 6.28
C LEU A 9 -2.11 4.74 5.15
N ARG A 10 -0.87 5.11 5.41
CA ARG A 10 0.17 5.10 4.40
C ARG A 10 0.52 3.71 3.88
N VAL A 11 0.82 2.77 4.76
CA VAL A 11 1.27 1.43 4.34
C VAL A 11 0.18 0.69 3.58
N LEU A 12 -1.07 0.86 3.94
CA LEU A 12 -2.10 0.19 3.24
C LEU A 12 -2.42 0.94 1.95
N ARG A 13 -2.08 2.19 1.95
CA ARG A 13 -2.10 3.02 0.74
C ARG A 13 -0.94 2.69 -0.16
N VAL A 14 -0.06 1.85 0.32
CA VAL A 14 1.01 1.32 -0.48
C VAL A 14 0.62 -0.07 -0.98
N LEU A 15 0.15 -0.90 -0.07
CA LEU A 15 -0.12 -2.31 -0.36
C LEU A 15 -1.37 -2.55 -1.20
N ARG A 16 -2.17 -1.58 -1.40
CA ARG A 16 -3.30 -1.76 -2.29
C ARG A 16 -3.06 -1.20 -3.71
N PRO A 17 -2.70 0.09 -3.88
CA PRO A 17 -2.56 0.69 -5.20
C PRO A 17 -1.36 0.14 -5.93
N LEU A 18 -0.31 -0.24 -5.20
CA LEU A 18 0.85 -0.77 -5.85
C LEU A 18 0.59 -2.14 -6.37
N LYS A 19 -0.38 -2.82 -5.81
CA LYS A 19 -0.75 -4.16 -6.26
C LYS A 19 -1.58 -4.07 -7.48
N THR A 20 -2.27 -2.99 -7.58
CA THR A 20 -3.01 -2.71 -8.75
C THR A 20 -2.05 -2.44 -9.94
N ILE A 21 -0.92 -1.83 -9.63
CA ILE A 21 0.09 -1.54 -10.63
C ILE A 21 0.94 -2.76 -10.89
N LYS A 22 1.67 -3.14 -9.85
CA LYS A 22 2.60 -4.27 -9.87
C LYS A 22 1.99 -5.64 -10.23
N ARG A 23 0.66 -5.74 -10.30
CA ARG A 23 0.02 -6.99 -10.75
C ARG A 23 0.47 -7.38 -12.18
N LEU A 24 1.02 -6.42 -12.91
CA LEU A 24 1.46 -6.66 -14.26
C LEU A 24 2.92 -7.23 -14.32
N PRO A 25 3.99 -6.53 -13.79
CA PRO A 25 5.37 -7.07 -13.85
C PRO A 25 5.65 -8.07 -12.74
N LYS A 26 4.69 -8.26 -11.94
CA LYS A 26 4.71 -9.20 -10.84
C LYS A 26 3.37 -9.92 -10.86
N LEU A 27 3.00 -10.47 -9.76
CA LEU A 27 1.73 -11.13 -9.63
C LEU A 27 1.17 -10.78 -8.29
N LYS A 28 -0.07 -11.07 -8.06
CA LYS A 28 -0.69 -10.80 -6.78
C LYS A 28 -0.18 -11.83 -5.79
N LYS A 1 -5.21 9.97 16.81
CA LYS A 1 -4.12 9.44 16.00
C LYS A 1 -2.92 9.11 16.83
N ASP A 2 -2.18 8.16 16.37
CA ASP A 2 -1.00 7.66 16.99
C ASP A 2 0.09 7.57 15.91
N ILE A 3 1.29 7.18 16.28
CA ILE A 3 2.40 7.04 15.35
C ILE A 3 2.03 5.94 14.33
N ASN A 4 1.32 4.94 14.81
CA ASN A 4 0.88 3.85 13.95
C ASN A 4 -0.19 4.34 12.96
N THR A 5 -0.92 5.38 13.32
CA THR A 5 -1.92 5.95 12.43
C THR A 5 -1.22 6.68 11.29
N ILE A 6 -0.06 7.25 11.59
CA ILE A 6 0.75 7.93 10.59
C ILE A 6 1.34 6.89 9.65
N LYS A 7 1.63 5.75 10.22
CA LYS A 7 2.07 4.63 9.46
C LYS A 7 0.93 4.09 8.62
N SER A 8 -0.31 4.31 9.06
CA SER A 8 -1.46 3.84 8.30
C SER A 8 -1.56 4.69 7.05
N LEU A 9 -1.22 5.96 7.18
CA LEU A 9 -1.18 6.86 6.05
C LEU A 9 -0.11 6.38 5.08
N ARG A 10 1.13 6.47 5.51
CA ARG A 10 2.29 6.15 4.67
C ARG A 10 2.28 4.70 4.14
N VAL A 11 2.19 3.75 5.03
CA VAL A 11 2.30 2.36 4.69
C VAL A 11 1.12 1.88 3.83
N LEU A 12 -0.07 2.42 4.05
CA LEU A 12 -1.18 2.01 3.20
C LEU A 12 -1.14 2.70 1.87
N ARG A 13 -0.49 3.83 1.84
CA ARG A 13 -0.22 4.53 0.58
C ARG A 13 0.88 3.78 -0.17
N VAL A 14 1.51 2.84 0.50
CA VAL A 14 2.44 1.93 -0.12
C VAL A 14 1.70 0.66 -0.56
N LEU A 15 1.15 -0.05 0.42
CA LEU A 15 0.56 -1.36 0.21
C LEU A 15 -0.66 -1.38 -0.69
N ARG A 16 -1.42 -0.34 -0.68
CA ARG A 16 -2.59 -0.32 -1.52
C ARG A 16 -2.24 -0.05 -2.99
N PRO A 17 -1.69 1.14 -3.35
CA PRO A 17 -1.48 1.51 -4.74
C PRO A 17 -0.37 0.71 -5.39
N LEU A 18 0.64 0.34 -4.61
CA LEU A 18 1.74 -0.36 -5.20
C LEU A 18 1.42 -1.77 -5.50
N LYS A 19 0.44 -2.30 -4.83
CA LYS A 19 0.05 -3.64 -5.12
C LYS A 19 -0.87 -3.68 -6.26
N THR A 20 -1.56 -2.61 -6.44
CA THR A 20 -2.38 -2.45 -7.58
C THR A 20 -1.49 -2.34 -8.86
N ILE A 21 -0.33 -1.70 -8.75
CA ILE A 21 0.57 -1.62 -9.89
C ILE A 21 1.53 -2.80 -9.98
N LYS A 22 2.20 -3.13 -8.90
CA LYS A 22 3.16 -4.25 -8.90
C LYS A 22 2.52 -5.64 -9.08
N ARG A 23 1.19 -5.75 -9.03
CA ARG A 23 0.51 -7.04 -9.24
C ARG A 23 0.74 -7.62 -10.64
N LEU A 24 1.23 -6.80 -11.56
CA LEU A 24 1.46 -7.27 -12.90
C LEU A 24 2.87 -7.91 -13.05
N PRO A 25 4.00 -7.22 -12.67
CA PRO A 25 5.33 -7.84 -12.75
C PRO A 25 5.60 -8.80 -11.61
N LYS A 26 4.72 -8.76 -10.67
CA LYS A 26 4.75 -9.61 -9.49
C LYS A 26 3.32 -10.02 -9.18
N LEU A 27 2.96 -11.19 -9.60
CA LEU A 27 1.61 -11.68 -9.42
C LEU A 27 1.27 -11.83 -7.95
N LYS A 28 0.47 -10.88 -7.45
CA LYS A 28 0.04 -10.76 -6.05
C LYS A 28 1.21 -10.87 -5.06
N LYS A 1 -3.92 10.67 17.01
CA LYS A 1 -2.60 10.75 16.38
C LYS A 1 -1.82 9.50 16.72
N ASP A 2 -1.83 8.55 15.82
CA ASP A 2 -1.17 7.29 16.05
C ASP A 2 -0.11 7.03 15.00
N ILE A 3 1.02 6.52 15.45
CA ILE A 3 2.19 6.27 14.60
C ILE A 3 1.88 5.17 13.59
N ASN A 4 1.21 4.13 14.06
CA ASN A 4 0.86 3.03 13.18
C ASN A 4 -0.16 3.45 12.14
N THR A 5 -1.01 4.38 12.52
CA THR A 5 -1.94 4.99 11.60
C THR A 5 -1.15 5.70 10.48
N ILE A 6 -0.05 6.34 10.86
CA ILE A 6 0.81 7.00 9.89
C ILE A 6 1.51 5.97 9.01
N LYS A 7 1.77 4.80 9.59
CA LYS A 7 2.35 3.72 8.83
C LYS A 7 1.29 3.20 7.87
N SER A 8 0.01 3.40 8.21
CA SER A 8 -1.07 2.85 7.41
C SER A 8 -1.40 3.84 6.33
N LEU A 9 -1.22 5.10 6.67
CA LEU A 9 -1.38 6.20 5.79
C LEU A 9 -0.47 5.97 4.58
N ARG A 10 0.76 5.57 4.86
CA ARG A 10 1.71 5.25 3.83
C ARG A 10 1.33 3.94 3.12
N VAL A 11 1.26 2.86 3.90
CA VAL A 11 1.04 1.52 3.36
C VAL A 11 -0.26 1.39 2.55
N LEU A 12 -1.30 2.11 2.91
CA LEU A 12 -2.52 2.02 2.19
C LEU A 12 -2.43 2.81 0.89
N ARG A 13 -1.63 3.83 0.91
CA ARG A 13 -1.35 4.62 -0.29
C ARG A 13 -0.32 3.86 -1.14
N VAL A 14 0.15 2.76 -0.61
CA VAL A 14 1.03 1.87 -1.33
C VAL A 14 0.20 0.73 -1.94
N LEU A 15 -0.53 0.04 -1.09
CA LEU A 15 -1.26 -1.16 -1.46
C LEU A 15 -2.32 -0.95 -2.49
N ARG A 16 -2.96 0.15 -2.47
CA ARG A 16 -4.02 0.36 -3.43
C ARG A 16 -3.53 0.87 -4.79
N PRO A 17 -2.84 2.02 -4.86
CA PRO A 17 -2.42 2.57 -6.13
C PRO A 17 -1.35 1.72 -6.76
N LEU A 18 -0.46 1.16 -5.96
CA LEU A 18 0.63 0.46 -6.54
C LEU A 18 0.24 -0.89 -6.95
N LYS A 19 -0.81 -1.41 -6.38
CA LYS A 19 -1.31 -2.68 -6.83
C LYS A 19 -2.19 -2.52 -7.99
N THR A 20 -2.54 -1.31 -8.24
CA THR A 20 -3.21 -1.01 -9.44
C THR A 20 -2.19 -1.14 -10.59
N ILE A 21 -0.95 -0.69 -10.37
CA ILE A 21 0.11 -0.90 -11.37
C ILE A 21 0.61 -2.33 -11.30
N LYS A 22 1.08 -2.70 -10.12
CA LYS A 22 1.68 -4.03 -9.90
C LYS A 22 0.70 -5.22 -10.05
N ARG A 23 -0.58 -4.96 -10.34
CA ARG A 23 -1.51 -6.07 -10.63
C ARG A 23 -1.15 -6.71 -11.96
N LEU A 24 -0.40 -5.98 -12.79
CA LEU A 24 -0.01 -6.48 -14.09
C LEU A 24 0.89 -7.75 -13.96
N PRO A 25 2.02 -7.74 -13.18
CA PRO A 25 2.79 -8.94 -12.94
C PRO A 25 2.50 -9.57 -11.56
N LYS A 26 1.52 -8.99 -10.87
CA LYS A 26 1.07 -9.38 -9.52
C LYS A 26 2.24 -9.52 -8.55
N LEU A 27 2.78 -8.40 -8.14
CA LEU A 27 3.97 -8.39 -7.30
C LEU A 27 3.62 -8.00 -5.86
N LYS A 28 4.63 -8.02 -5.02
CA LYS A 28 4.48 -7.71 -3.63
C LYS A 28 5.14 -6.38 -3.32
N LYS A 1 -3.04 10.59 13.49
CA LYS A 1 -1.97 11.37 14.10
C LYS A 1 -0.95 10.48 14.81
N ASP A 2 -1.32 9.25 15.09
CA ASP A 2 -0.40 8.30 15.69
C ASP A 2 0.49 7.70 14.60
N ILE A 3 1.64 7.17 15.00
CA ILE A 3 2.60 6.59 14.08
C ILE A 3 1.95 5.42 13.32
N ASN A 4 1.19 4.63 14.03
CA ASN A 4 0.55 3.47 13.42
C ASN A 4 -0.55 3.87 12.44
N THR A 5 -1.27 4.95 12.75
CA THR A 5 -2.29 5.42 11.83
C THR A 5 -1.66 5.90 10.52
N ILE A 6 -0.41 6.37 10.62
CA ILE A 6 0.33 6.79 9.46
C ILE A 6 0.76 5.58 8.65
N LYS A 7 1.06 4.48 9.35
CA LYS A 7 1.44 3.27 8.67
C LYS A 7 0.19 2.55 8.17
N SER A 8 -0.94 3.10 8.49
CA SER A 8 -2.17 2.59 7.95
C SER A 8 -2.55 3.44 6.73
N LEU A 9 -2.53 4.75 6.90
CA LEU A 9 -2.87 5.67 5.81
C LEU A 9 -1.93 5.49 4.63
N ARG A 10 -0.66 5.60 4.89
CA ARG A 10 0.32 5.56 3.82
C ARG A 10 0.56 4.14 3.31
N VAL A 11 0.89 3.24 4.22
CA VAL A 11 1.25 1.87 3.85
C VAL A 11 0.08 1.12 3.18
N LEU A 12 -1.15 1.42 3.56
CA LEU A 12 -2.26 0.75 2.90
C LEU A 12 -2.51 1.35 1.53
N ARG A 13 -2.18 2.61 1.41
CA ARG A 13 -2.22 3.28 0.11
C ARG A 13 -1.01 2.87 -0.73
N VAL A 14 -0.16 2.07 -0.13
CA VAL A 14 0.94 1.43 -0.83
C VAL A 14 0.48 0.02 -1.26
N LEU A 15 -0.03 -0.74 -0.31
CA LEU A 15 -0.38 -2.15 -0.52
C LEU A 15 -1.51 -2.38 -1.50
N ARG A 16 -2.49 -1.53 -1.49
CA ARG A 16 -3.59 -1.70 -2.42
C ARG A 16 -3.21 -1.36 -3.88
N PRO A 17 -2.84 -0.08 -4.18
CA PRO A 17 -2.64 0.34 -5.56
C PRO A 17 -1.40 -0.24 -6.15
N LEU A 18 -0.38 -0.44 -5.35
CA LEU A 18 0.85 -0.90 -5.93
C LEU A 18 0.80 -2.33 -6.23
N LYS A 19 -0.07 -3.06 -5.59
CA LYS A 19 -0.18 -4.46 -5.91
C LYS A 19 -1.08 -4.64 -7.08
N THR A 20 -1.82 -3.63 -7.34
CA THR A 20 -2.53 -3.55 -8.56
C THR A 20 -1.50 -3.43 -9.73
N ILE A 21 -0.38 -2.71 -9.49
CA ILE A 21 0.72 -2.68 -10.45
C ILE A 21 1.47 -3.99 -10.40
N LYS A 22 1.95 -4.33 -9.21
CA LYS A 22 2.73 -5.57 -8.96
C LYS A 22 2.10 -6.87 -9.46
N ARG A 23 0.77 -6.94 -9.56
CA ARG A 23 0.10 -8.18 -10.02
C ARG A 23 0.43 -8.48 -11.49
N LEU A 24 0.99 -7.51 -12.17
CA LEU A 24 1.33 -7.68 -13.55
C LEU A 24 2.77 -8.24 -13.73
N PRO A 25 3.85 -7.61 -13.17
CA PRO A 25 5.22 -8.13 -13.34
C PRO A 25 5.58 -9.18 -12.29
N LYS A 26 4.64 -9.45 -11.47
CA LYS A 26 4.73 -10.44 -10.46
C LYS A 26 3.48 -11.29 -10.51
N LEU A 27 3.67 -12.57 -10.70
CA LEU A 27 2.58 -13.50 -10.75
C LEU A 27 2.04 -13.68 -9.33
N LYS A 28 0.87 -13.18 -9.09
CA LYS A 28 0.28 -13.25 -7.79
C LYS A 28 -0.60 -14.48 -7.72
N LYS A 1 -0.92 9.91 13.98
CA LYS A 1 0.20 10.00 14.92
C LYS A 1 0.77 8.61 15.23
N ASP A 2 -0.10 7.67 15.63
CA ASP A 2 0.33 6.32 15.98
C ASP A 2 1.00 5.61 14.80
N ILE A 3 2.03 4.84 15.11
CA ILE A 3 2.87 4.18 14.12
C ILE A 3 2.05 3.26 13.23
N ASN A 4 1.29 2.36 13.83
CA ASN A 4 0.51 1.39 13.06
C ASN A 4 -0.56 2.07 12.24
N THR A 5 -1.24 3.05 12.82
CA THR A 5 -2.26 3.73 12.09
C THR A 5 -1.67 4.51 10.92
N ILE A 6 -0.46 5.01 11.08
CA ILE A 6 0.26 5.64 9.98
C ILE A 6 0.63 4.59 8.94
N LYS A 7 1.01 3.42 9.40
CA LYS A 7 1.37 2.33 8.52
C LYS A 7 0.14 1.69 7.91
N SER A 8 -1.02 2.20 8.25
CA SER A 8 -2.22 1.76 7.63
C SER A 8 -2.73 2.89 6.74
N LEU A 9 -2.84 4.06 7.32
CA LEU A 9 -3.37 5.22 6.68
C LEU A 9 -2.54 5.64 5.47
N ARG A 10 -1.25 5.76 5.65
CA ARG A 10 -0.38 6.21 4.56
C ARG A 10 -0.06 5.02 3.67
N VAL A 11 0.46 3.98 4.30
CA VAL A 11 0.94 2.80 3.60
C VAL A 11 -0.12 2.12 2.74
N LEU A 12 -1.38 2.07 3.17
CA LEU A 12 -2.38 1.42 2.38
C LEU A 12 -2.81 2.31 1.22
N ARG A 13 -2.66 3.59 1.43
CA ARG A 13 -2.90 4.57 0.38
C ARG A 13 -1.75 4.55 -0.62
N VAL A 14 -0.70 3.81 -0.26
CA VAL A 14 0.43 3.57 -1.13
C VAL A 14 0.26 2.22 -1.83
N LEU A 15 -0.06 1.21 -1.05
CA LEU A 15 -0.22 -0.16 -1.53
C LEU A 15 -1.31 -0.30 -2.56
N ARG A 16 -2.46 0.28 -2.29
CA ARG A 16 -3.62 0.15 -3.20
C ARG A 16 -3.31 0.54 -4.67
N PRO A 17 -2.82 1.79 -4.95
CA PRO A 17 -2.55 2.21 -6.32
C PRO A 17 -1.42 1.40 -6.91
N LEU A 18 -0.42 1.11 -6.08
CA LEU A 18 0.68 0.34 -6.53
C LEU A 18 0.29 -1.04 -6.92
N LYS A 19 -0.58 -1.69 -6.18
CA LYS A 19 -1.00 -3.04 -6.53
C LYS A 19 -1.89 -3.05 -7.72
N THR A 20 -2.43 -1.92 -8.03
CA THR A 20 -3.19 -1.82 -9.21
C THR A 20 -2.24 -1.82 -10.44
N ILE A 21 -1.03 -1.30 -10.24
CA ILE A 21 -0.01 -1.29 -11.28
C ILE A 21 0.76 -2.60 -11.23
N LYS A 22 1.38 -2.81 -10.09
CA LYS A 22 2.22 -3.97 -9.81
C LYS A 22 1.53 -5.34 -10.07
N ARG A 23 0.19 -5.38 -10.13
CA ARG A 23 -0.53 -6.64 -10.41
C ARG A 23 -0.20 -7.20 -11.82
N LEU A 24 0.42 -6.39 -12.65
CA LEU A 24 0.82 -6.86 -13.96
C LEU A 24 2.21 -7.53 -13.93
N PRO A 25 3.33 -6.81 -13.54
CA PRO A 25 4.68 -7.41 -13.54
C PRO A 25 4.96 -8.31 -12.33
N LYS A 26 4.03 -8.35 -11.46
CA LYS A 26 4.09 -9.16 -10.27
C LYS A 26 2.78 -9.87 -10.05
N LEU A 27 2.79 -10.83 -9.16
CA LEU A 27 1.65 -11.62 -8.82
C LEU A 27 1.44 -11.64 -7.31
N LYS A 28 0.56 -12.48 -6.81
CA LYS A 28 0.30 -12.55 -5.39
C LYS A 28 0.55 -13.92 -4.77
N LYS A 1 -5.37 11.53 15.94
CA LYS A 1 -3.92 11.62 16.03
C LYS A 1 -3.38 10.37 16.68
N ASP A 2 -2.92 9.44 15.89
CA ASP A 2 -2.34 8.21 16.39
C ASP A 2 -1.32 7.73 15.43
N ILE A 3 -0.30 7.08 15.92
CA ILE A 3 0.82 6.69 15.11
C ILE A 3 0.42 5.57 14.16
N ASN A 4 -0.49 4.71 14.61
CA ASN A 4 -0.92 3.60 13.77
C ASN A 4 -1.79 4.12 12.64
N THR A 5 -2.48 5.21 12.89
CA THR A 5 -3.28 5.85 11.89
C THR A 5 -2.35 6.49 10.86
N ILE A 6 -1.24 7.01 11.33
CA ILE A 6 -0.24 7.62 10.45
C ILE A 6 0.41 6.53 9.60
N LYS A 7 0.54 5.36 10.19
CA LYS A 7 1.05 4.22 9.47
C LYS A 7 0.03 3.80 8.43
N SER A 8 -1.23 4.08 8.69
CA SER A 8 -2.27 3.69 7.77
C SER A 8 -2.31 4.66 6.59
N LEU A 9 -1.86 5.88 6.85
CA LEU A 9 -1.76 6.88 5.81
C LEU A 9 -0.71 6.46 4.82
N ARG A 10 0.41 5.99 5.34
CA ARG A 10 1.51 5.53 4.50
C ARG A 10 1.25 4.16 3.89
N VAL A 11 1.11 3.16 4.75
CA VAL A 11 0.98 1.76 4.33
C VAL A 11 -0.17 1.55 3.35
N LEU A 12 -1.28 2.23 3.54
CA LEU A 12 -2.41 2.05 2.66
C LEU A 12 -2.28 2.88 1.41
N ARG A 13 -1.43 3.86 1.47
CA ARG A 13 -1.14 4.70 0.31
C ARG A 13 -0.06 4.00 -0.50
N VAL A 14 0.43 2.91 0.04
CA VAL A 14 1.36 2.08 -0.66
C VAL A 14 0.64 0.85 -1.19
N LEU A 15 0.06 0.08 -0.29
CA LEU A 15 -0.54 -1.21 -0.63
C LEU A 15 -1.84 -1.12 -1.43
N ARG A 16 -2.48 0.03 -1.45
CA ARG A 16 -3.69 0.16 -2.26
C ARG A 16 -3.41 0.63 -3.71
N PRO A 17 -2.75 1.81 -3.92
CA PRO A 17 -2.56 2.37 -5.26
C PRO A 17 -1.54 1.57 -6.05
N LEU A 18 -0.63 0.91 -5.34
CA LEU A 18 0.34 0.14 -6.04
C LEU A 18 -0.25 -1.10 -6.51
N LYS A 19 -1.25 -1.58 -5.82
CA LYS A 19 -1.95 -2.77 -6.27
C LYS A 19 -2.77 -2.47 -7.42
N THR A 20 -3.21 -1.26 -7.49
CA THR A 20 -4.00 -0.83 -8.57
C THR A 20 -3.15 -0.87 -9.88
N ILE A 21 -1.89 -0.47 -9.79
CA ILE A 21 -1.02 -0.51 -10.95
C ILE A 21 -0.34 -1.88 -11.12
N LYS A 22 0.08 -2.47 -10.01
CA LYS A 22 0.67 -3.81 -10.01
C LYS A 22 -0.24 -4.89 -10.57
N ARG A 23 -1.56 -4.64 -10.66
CA ARG A 23 -2.51 -5.59 -11.29
C ARG A 23 -2.07 -5.99 -12.70
N LEU A 24 -1.35 -5.10 -13.36
CA LEU A 24 -0.91 -5.36 -14.71
C LEU A 24 0.35 -6.30 -14.76
N PRO A 25 1.53 -5.94 -14.17
CA PRO A 25 2.73 -6.78 -14.28
C PRO A 25 2.95 -7.76 -13.12
N LYS A 26 1.94 -7.95 -12.33
CA LYS A 26 2.02 -8.87 -11.19
C LYS A 26 2.20 -10.30 -11.67
N LEU A 27 2.80 -11.11 -10.84
CA LEU A 27 3.04 -12.49 -11.15
C LEU A 27 1.93 -13.35 -10.59
N LYS A 28 1.26 -12.84 -9.59
CA LYS A 28 0.18 -13.56 -8.94
C LYS A 28 -1.11 -13.30 -9.69
N LYS A 1 -2.63 7.10 19.20
CA LYS A 1 -2.73 6.63 17.83
C LYS A 1 -1.67 7.36 17.00
N ASP A 2 -2.02 7.87 15.81
CA ASP A 2 -1.15 8.68 14.92
C ASP A 2 0.01 7.97 14.27
N ILE A 3 0.89 7.37 15.04
CA ILE A 3 2.05 6.63 14.47
C ILE A 3 1.57 5.53 13.54
N ASN A 4 0.70 4.67 14.05
CA ASN A 4 0.23 3.55 13.24
C ASN A 4 -0.79 4.07 12.21
N THR A 5 -1.38 5.22 12.48
CA THR A 5 -2.37 5.79 11.59
C THR A 5 -1.72 6.18 10.27
N ILE A 6 -0.60 6.90 10.34
CA ILE A 6 0.09 7.29 9.14
C ILE A 6 0.71 6.12 8.41
N LYS A 7 0.93 5.04 9.15
CA LYS A 7 1.43 3.82 8.57
C LYS A 7 0.29 3.06 7.92
N SER A 8 -0.93 3.43 8.22
CA SER A 8 -2.04 2.86 7.51
C SER A 8 -2.32 3.73 6.29
N LEU A 9 -2.27 5.02 6.50
CA LEU A 9 -2.51 5.99 5.46
C LEU A 9 -1.51 5.85 4.32
N ARG A 10 -0.27 6.13 4.62
CA ARG A 10 0.77 6.22 3.61
C ARG A 10 1.19 4.85 3.08
N VAL A 11 1.33 3.88 3.95
CA VAL A 11 1.75 2.55 3.53
C VAL A 11 0.71 1.92 2.61
N LEU A 12 -0.56 2.09 2.93
CA LEU A 12 -1.61 1.53 2.07
C LEU A 12 -1.80 2.36 0.85
N ARG A 13 -1.43 3.56 0.98
CA ARG A 13 -1.39 4.53 -0.14
C ARG A 13 -0.33 4.05 -1.15
N VAL A 14 0.60 3.23 -0.68
CA VAL A 14 1.60 2.62 -1.54
C VAL A 14 1.12 1.25 -2.00
N LEU A 15 0.65 0.46 -1.04
CA LEU A 15 0.25 -0.92 -1.28
C LEU A 15 -0.86 -1.05 -2.30
N ARG A 16 -1.81 -0.19 -2.22
CA ARG A 16 -2.94 -0.22 -3.12
C ARG A 16 -2.57 0.01 -4.59
N PRO A 17 -2.06 1.20 -4.99
CA PRO A 17 -1.83 1.49 -6.40
C PRO A 17 -0.69 0.66 -6.97
N LEU A 18 0.32 0.40 -6.16
CA LEU A 18 1.45 -0.28 -6.67
C LEU A 18 1.24 -1.73 -6.78
N LYS A 19 0.41 -2.31 -5.93
CA LYS A 19 0.19 -3.73 -6.07
C LYS A 19 -0.78 -4.04 -7.10
N THR A 20 -1.54 -3.07 -7.45
CA THR A 20 -2.36 -3.18 -8.59
C THR A 20 -1.46 -3.26 -9.85
N ILE A 21 -0.39 -2.46 -9.86
CA ILE A 21 0.58 -2.48 -10.96
C ILE A 21 1.38 -3.77 -10.88
N LYS A 22 2.07 -3.93 -9.76
CA LYS A 22 2.89 -5.13 -9.51
C LYS A 22 2.18 -6.47 -9.76
N ARG A 23 0.83 -6.55 -9.68
CA ARG A 23 0.20 -7.83 -9.94
C ARG A 23 0.15 -8.23 -11.41
N LEU A 24 0.66 -7.35 -12.28
CA LEU A 24 0.83 -7.71 -13.67
C LEU A 24 2.08 -8.59 -13.85
N PRO A 25 3.33 -8.11 -13.48
CA PRO A 25 4.55 -8.93 -13.61
C PRO A 25 4.72 -9.97 -12.53
N LYS A 26 3.87 -9.94 -11.58
CA LYS A 26 3.85 -10.91 -10.54
C LYS A 26 2.95 -12.03 -11.01
N LEU A 27 3.53 -13.20 -11.25
CA LEU A 27 2.80 -14.34 -11.76
C LEU A 27 1.64 -14.74 -10.86
N LYS A 28 1.82 -14.53 -9.57
CA LYS A 28 0.80 -14.74 -8.58
C LYS A 28 1.36 -14.27 -7.25
N LYS A 1 -4.11 9.86 18.02
CA LYS A 1 -3.46 9.53 16.75
C LYS A 1 -2.22 8.74 17.12
N ASP A 2 -1.95 7.70 16.38
CA ASP A 2 -0.84 6.82 16.71
C ASP A 2 0.06 6.62 15.48
N ILE A 3 1.20 5.99 15.68
CA ILE A 3 2.15 5.67 14.63
C ILE A 3 1.48 4.72 13.64
N ASN A 4 0.64 3.84 14.16
CA ASN A 4 -0.10 2.92 13.31
C ASN A 4 -1.10 3.68 12.46
N THR A 5 -1.60 4.80 12.95
CA THR A 5 -2.51 5.62 12.20
C THR A 5 -1.74 6.22 11.02
N ILE A 6 -0.46 6.45 11.20
CA ILE A 6 0.38 6.91 10.12
C ILE A 6 0.62 5.75 9.14
N LYS A 7 0.56 4.54 9.67
CA LYS A 7 0.72 3.36 8.87
C LYS A 7 -0.60 3.01 8.20
N SER A 8 -1.64 3.74 8.52
CA SER A 8 -2.87 3.55 7.82
C SER A 8 -3.13 4.73 6.86
N LEU A 9 -2.97 5.94 7.34
CA LEU A 9 -3.23 7.12 6.53
C LEU A 9 -2.26 7.24 5.36
N ARG A 10 -1.02 7.06 5.64
CA ARG A 10 -0.03 7.16 4.59
C ARG A 10 0.20 5.84 3.91
N VAL A 11 0.48 4.82 4.70
CA VAL A 11 0.82 3.50 4.15
C VAL A 11 -0.32 2.89 3.31
N LEU A 12 -1.58 3.20 3.61
CA LEU A 12 -2.65 2.66 2.76
C LEU A 12 -2.72 3.39 1.45
N ARG A 13 -2.31 4.62 1.47
CA ARG A 13 -2.20 5.43 0.27
C ARG A 13 -0.93 5.05 -0.47
N VAL A 14 -0.12 4.26 0.17
CA VAL A 14 1.06 3.74 -0.44
C VAL A 14 0.73 2.42 -1.15
N LEU A 15 0.40 1.41 -0.36
CA LEU A 15 0.21 0.09 -0.92
C LEU A 15 -1.03 -0.14 -1.78
N ARG A 16 -2.14 0.51 -1.49
CA ARG A 16 -3.33 0.35 -2.34
C ARG A 16 -3.09 0.75 -3.82
N PRO A 17 -2.63 2.00 -4.12
CA PRO A 17 -2.38 2.42 -5.50
C PRO A 17 -1.16 1.73 -6.09
N LEU A 18 -0.24 1.31 -5.21
CA LEU A 18 0.91 0.64 -5.68
C LEU A 18 0.56 -0.70 -6.13
N LYS A 19 -0.32 -1.36 -5.47
CA LYS A 19 -0.69 -2.69 -5.87
C LYS A 19 -1.56 -2.70 -7.08
N THR A 20 -2.18 -1.58 -7.28
CA THR A 20 -2.90 -1.35 -8.47
C THR A 20 -1.91 -1.35 -9.69
N ILE A 21 -0.68 -0.85 -9.48
CA ILE A 21 0.34 -0.91 -10.54
C ILE A 21 1.21 -2.17 -10.45
N LYS A 22 1.65 -2.49 -9.26
CA LYS A 22 2.43 -3.70 -8.95
C LYS A 22 1.66 -5.00 -9.21
N ARG A 23 0.40 -4.91 -9.67
CA ARG A 23 -0.35 -6.10 -10.09
C ARG A 23 0.39 -6.93 -11.16
N LEU A 24 1.30 -6.30 -11.90
CA LEU A 24 2.12 -7.05 -12.85
C LEU A 24 3.15 -7.94 -12.12
N PRO A 25 4.10 -7.38 -11.29
CA PRO A 25 5.06 -8.21 -10.52
C PRO A 25 4.41 -8.95 -9.34
N LYS A 26 3.12 -8.81 -9.25
CA LYS A 26 2.29 -9.53 -8.32
C LYS A 26 2.19 -10.96 -8.82
N LEU A 27 2.23 -11.08 -10.12
CA LEU A 27 2.19 -12.36 -10.76
C LEU A 27 3.61 -12.87 -10.86
N LYS A 28 3.76 -14.15 -10.72
CA LYS A 28 5.06 -14.74 -10.78
C LYS A 28 5.27 -15.43 -12.11
N LYS A 1 0.36 9.44 19.56
CA LYS A 1 -0.79 8.56 19.30
C LYS A 1 -1.23 8.77 17.85
N ASP A 2 -1.72 7.68 17.21
CA ASP A 2 -2.29 7.69 15.82
C ASP A 2 -1.21 7.73 14.75
N ILE A 3 0.00 7.84 15.22
CA ILE A 3 1.16 7.87 14.42
C ILE A 3 1.33 6.55 13.65
N ASN A 4 0.75 5.48 14.17
CA ASN A 4 0.81 4.22 13.46
C ASN A 4 -0.19 4.20 12.32
N THR A 5 -1.23 5.03 12.42
CA THR A 5 -2.18 5.14 11.34
C THR A 5 -1.50 5.89 10.21
N ILE A 6 -0.53 6.73 10.57
CA ILE A 6 0.28 7.43 9.60
C ILE A 6 1.15 6.43 8.85
N LYS A 7 1.60 5.41 9.58
CA LYS A 7 2.34 4.34 8.96
C LYS A 7 1.41 3.55 8.07
N SER A 8 0.14 3.54 8.41
CA SER A 8 -0.86 2.81 7.66
C SER A 8 -1.13 3.55 6.39
N LEU A 9 -1.12 4.88 6.44
CA LEU A 9 -1.28 5.68 5.25
C LEU A 9 -0.19 5.31 4.27
N ARG A 10 1.03 5.36 4.74
CA ARG A 10 2.20 5.01 3.96
C ARG A 10 2.10 3.57 3.41
N VAL A 11 2.02 2.60 4.30
CA VAL A 11 2.00 1.18 3.92
C VAL A 11 0.82 0.87 2.98
N LEU A 12 -0.32 1.50 3.20
CA LEU A 12 -1.47 1.24 2.41
C LEU A 12 -1.36 1.90 1.06
N ARG A 13 -0.66 3.00 1.03
CA ARG A 13 -0.37 3.69 -0.24
C ARG A 13 0.74 2.95 -0.96
N VAL A 14 1.31 1.97 -0.32
CA VAL A 14 2.32 1.14 -0.93
C VAL A 14 1.71 -0.16 -1.44
N LEU A 15 1.16 -0.94 -0.53
CA LEU A 15 0.65 -2.26 -0.87
C LEU A 15 -0.58 -2.30 -1.76
N ARG A 16 -1.37 -1.24 -1.78
CA ARG A 16 -2.53 -1.27 -2.67
C ARG A 16 -2.19 -0.85 -4.10
N PRO A 17 -1.70 0.38 -4.34
CA PRO A 17 -1.54 0.88 -5.70
C PRO A 17 -0.43 0.18 -6.43
N LEU A 18 0.60 -0.22 -5.70
CA LEU A 18 1.71 -0.81 -6.33
C LEU A 18 1.44 -2.23 -6.68
N LYS A 19 0.59 -2.87 -5.94
CA LYS A 19 0.27 -4.25 -6.25
C LYS A 19 -0.65 -4.32 -7.37
N THR A 20 -1.49 -3.35 -7.45
CA THR A 20 -2.36 -3.19 -8.56
C THR A 20 -1.53 -2.99 -9.87
N ILE A 21 -0.48 -2.17 -9.82
CA ILE A 21 0.32 -1.93 -11.01
C ILE A 21 1.42 -2.98 -11.25
N LYS A 22 2.20 -3.28 -10.24
CA LYS A 22 3.28 -4.28 -10.36
C LYS A 22 2.77 -5.67 -10.75
N ARG A 23 1.49 -5.98 -10.46
CA ARG A 23 0.95 -7.32 -10.77
C ARG A 23 0.98 -7.63 -12.27
N LEU A 24 1.04 -6.59 -13.10
CA LEU A 24 1.11 -6.80 -14.53
C LEU A 24 2.48 -7.43 -14.94
N PRO A 25 3.64 -6.74 -14.78
CA PRO A 25 4.92 -7.31 -15.15
C PRO A 25 5.60 -8.09 -14.03
N LYS A 26 4.82 -8.44 -13.02
CA LYS A 26 5.31 -9.24 -11.94
C LYS A 26 5.67 -10.62 -12.43
N LEU A 27 6.79 -11.11 -11.95
CA LEU A 27 7.20 -12.45 -12.22
C LEU A 27 6.34 -13.39 -11.42
N LYS A 28 5.49 -14.09 -12.09
CA LYS A 28 4.61 -15.04 -11.48
C LYS A 28 4.93 -16.40 -12.04
N LYS A 1 -0.75 13.33 16.63
CA LYS A 1 -1.15 12.30 15.68
C LYS A 1 -0.67 10.99 16.24
N ASP A 2 -1.51 9.98 16.25
CA ASP A 2 -1.15 8.73 16.88
C ASP A 2 -0.10 8.01 16.08
N ILE A 3 0.90 7.56 16.78
CA ILE A 3 2.06 6.94 16.25
C ILE A 3 1.78 5.69 15.42
N ASN A 4 0.76 4.91 15.79
CA ASN A 4 0.46 3.73 15.01
C ASN A 4 -0.60 4.03 13.98
N THR A 5 -1.48 4.94 14.30
CA THR A 5 -2.52 5.32 13.38
C THR A 5 -1.89 5.97 12.14
N ILE A 6 -0.84 6.76 12.32
CA ILE A 6 -0.16 7.32 11.22
C ILE A 6 0.52 6.24 10.36
N LYS A 7 0.86 5.10 10.99
CA LYS A 7 1.41 3.99 10.25
C LYS A 7 0.28 3.36 9.46
N SER A 8 -0.93 3.50 9.95
CA SER A 8 -2.07 2.91 9.28
C SER A 8 -2.36 3.73 8.03
N LEU A 9 -2.25 5.03 8.16
CA LEU A 9 -2.40 5.93 7.05
C LEU A 9 -1.34 5.68 6.01
N ARG A 10 -0.10 5.95 6.36
CA ARG A 10 1.01 5.86 5.41
C ARG A 10 1.24 4.43 4.89
N VAL A 11 1.42 3.47 5.79
CA VAL A 11 1.75 2.10 5.38
C VAL A 11 0.61 1.48 4.56
N LEU A 12 -0.63 1.76 4.92
CA LEU A 12 -1.73 1.21 4.13
C LEU A 12 -1.93 2.00 2.88
N ARG A 13 -1.46 3.22 2.89
CA ARG A 13 -1.49 4.05 1.69
C ARG A 13 -0.35 3.63 0.76
N VAL A 14 0.46 2.71 1.23
CA VAL A 14 1.44 2.06 0.39
C VAL A 14 0.88 0.71 -0.06
N LEU A 15 0.44 -0.08 0.91
CA LEU A 15 -0.04 -1.45 0.67
C LEU A 15 -1.32 -1.50 -0.16
N ARG A 16 -2.10 -0.47 -0.15
CA ARG A 16 -3.28 -0.45 -0.99
C ARG A 16 -2.96 -0.09 -2.47
N PRO A 17 -2.48 1.14 -2.78
CA PRO A 17 -2.32 1.57 -4.17
C PRO A 17 -1.20 0.85 -4.89
N LEU A 18 -0.19 0.41 -4.15
CA LEU A 18 0.92 -0.25 -4.78
C LEU A 18 0.61 -1.67 -5.07
N LYS A 19 -0.40 -2.20 -4.45
CA LYS A 19 -0.84 -3.55 -4.77
C LYS A 19 -1.76 -3.51 -5.90
N THR A 20 -2.31 -2.37 -6.12
CA THR A 20 -3.08 -2.15 -7.27
C THR A 20 -2.13 -2.02 -8.49
N ILE A 21 -0.88 -1.57 -8.23
CA ILE A 21 0.14 -1.53 -9.26
C ILE A 21 0.72 -2.91 -9.41
N LYS A 22 1.25 -3.41 -8.30
CA LYS A 22 1.85 -4.76 -8.24
C LYS A 22 0.94 -5.92 -8.71
N ARG A 23 -0.38 -5.70 -8.83
CA ARG A 23 -1.26 -6.75 -9.36
C ARG A 23 -1.04 -6.95 -10.88
N LEU A 24 -0.32 -6.03 -11.50
CA LEU A 24 0.00 -6.19 -12.91
C LEU A 24 1.25 -7.08 -13.11
N PRO A 25 2.44 -6.76 -12.52
CA PRO A 25 3.64 -7.60 -12.68
C PRO A 25 3.58 -8.86 -11.87
N LYS A 26 2.89 -8.80 -10.82
CA LYS A 26 2.76 -9.90 -9.92
C LYS A 26 1.37 -10.48 -9.97
N LEU A 27 1.17 -11.58 -9.23
CA LEU A 27 -0.11 -12.33 -9.24
C LEU A 27 -0.31 -12.93 -10.62
N LYS A 28 0.78 -13.10 -11.32
CA LYS A 28 0.81 -13.56 -12.67
C LYS A 28 0.99 -15.06 -12.65
N LYS A 1 0.05 11.18 15.20
CA LYS A 1 -0.64 11.03 16.47
C LYS A 1 -0.10 9.80 17.19
N ASP A 2 -0.38 8.61 16.66
CA ASP A 2 0.14 7.39 17.26
C ASP A 2 1.10 6.74 16.28
N ILE A 3 1.92 5.84 16.77
CA ILE A 3 2.90 5.16 15.97
C ILE A 3 2.18 4.29 14.95
N ASN A 4 1.11 3.66 15.39
CA ASN A 4 0.36 2.78 14.53
C ASN A 4 -0.30 3.55 13.40
N THR A 5 -0.90 4.66 13.73
CA THR A 5 -1.59 5.43 12.75
C THR A 5 -0.62 5.97 11.71
N ILE A 6 0.55 6.38 12.14
CA ILE A 6 1.56 6.89 11.22
C ILE A 6 2.05 5.81 10.29
N LYS A 7 2.17 4.57 10.77
CA LYS A 7 2.61 3.53 9.88
C LYS A 7 1.47 3.08 9.00
N SER A 8 0.27 3.54 9.32
CA SER A 8 -0.87 3.26 8.50
C SER A 8 -0.88 4.25 7.34
N LEU A 9 -0.66 5.53 7.65
CA LEU A 9 -0.59 6.57 6.61
C LEU A 9 0.54 6.31 5.67
N ARG A 10 1.56 5.76 6.17
CA ARG A 10 2.66 5.37 5.34
C ARG A 10 2.35 4.05 4.60
N VAL A 11 2.51 2.95 5.31
CA VAL A 11 2.46 1.61 4.74
C VAL A 11 1.14 1.30 4.03
N LEU A 12 0.02 1.74 4.58
CA LEU A 12 -1.24 1.39 4.02
C LEU A 12 -1.55 2.25 2.83
N ARG A 13 -1.01 3.41 2.84
CA ARG A 13 -1.15 4.33 1.74
C ARG A 13 -0.10 4.03 0.69
N VAL A 14 0.68 3.00 0.95
CA VAL A 14 1.57 2.46 -0.05
C VAL A 14 0.97 1.16 -0.60
N LEU A 15 0.50 0.31 0.30
CA LEU A 15 -0.05 -0.99 -0.05
C LEU A 15 -1.27 -0.90 -0.94
N ARG A 16 -2.11 0.07 -0.70
CA ARG A 16 -3.32 0.20 -1.52
C ARG A 16 -2.99 0.60 -2.98
N PRO A 17 -2.37 1.80 -3.22
CA PRO A 17 -2.23 2.31 -4.57
C PRO A 17 -1.15 1.59 -5.34
N LEU A 18 -0.04 1.24 -4.69
CA LEU A 18 1.04 0.69 -5.44
C LEU A 18 0.81 -0.70 -5.85
N LYS A 19 -0.02 -1.39 -5.13
CA LYS A 19 -0.38 -2.72 -5.55
C LYS A 19 -1.27 -2.63 -6.71
N THR A 20 -2.17 -1.70 -6.66
CA THR A 20 -3.03 -1.47 -7.75
C THR A 20 -2.23 -1.05 -9.02
N ILE A 21 -1.20 -0.23 -8.84
CA ILE A 21 -0.31 0.16 -9.96
C ILE A 21 0.47 -1.05 -10.41
N LYS A 22 1.21 -1.60 -9.48
CA LYS A 22 2.05 -2.76 -9.75
C LYS A 22 1.32 -4.09 -10.12
N ARG A 23 0.00 -4.09 -10.28
CA ARG A 23 -0.72 -5.28 -10.78
C ARG A 23 -0.32 -5.64 -12.22
N LEU A 24 0.43 -4.78 -12.88
CA LEU A 24 0.89 -5.10 -14.21
C LEU A 24 2.25 -5.87 -14.19
N PRO A 25 3.34 -5.35 -13.52
CA PRO A 25 4.63 -6.07 -13.44
C PRO A 25 4.55 -7.27 -12.51
N LYS A 26 3.54 -7.30 -11.76
CA LYS A 26 3.27 -8.39 -10.83
C LYS A 26 2.04 -9.12 -11.27
N LEU A 27 2.11 -10.42 -11.29
CA LEU A 27 0.95 -11.22 -11.57
C LEU A 27 0.33 -11.70 -10.27
N LYS A 28 0.92 -11.25 -9.18
CA LYS A 28 0.40 -11.46 -7.85
C LYS A 28 -0.10 -10.12 -7.36
N LYS A 1 -3.30 12.05 15.83
CA LYS A 1 -2.56 11.11 15.00
C LYS A 1 -1.95 10.02 15.88
N ASP A 2 -1.18 9.14 15.30
CA ASP A 2 -0.53 8.03 15.98
C ASP A 2 0.48 7.41 15.05
N ILE A 3 1.45 6.70 15.60
CA ILE A 3 2.54 6.13 14.84
C ILE A 3 2.02 5.02 13.91
N ASN A 4 1.05 4.25 14.39
CA ASN A 4 0.46 3.20 13.58
C ASN A 4 -0.60 3.78 12.66
N THR A 5 -1.22 4.84 13.08
CA THR A 5 -2.15 5.52 12.22
C THR A 5 -1.39 6.09 11.01
N ILE A 6 -0.14 6.50 11.22
CA ILE A 6 0.72 6.92 10.12
C ILE A 6 1.00 5.70 9.23
N LYS A 7 1.10 4.53 9.85
CA LYS A 7 1.28 3.30 9.11
C LYS A 7 -0.02 2.91 8.39
N SER A 8 -1.09 3.58 8.71
CA SER A 8 -2.34 3.27 8.06
C SER A 8 -2.53 4.27 6.95
N LEU A 9 -2.25 5.50 7.26
CA LEU A 9 -2.38 6.57 6.35
C LEU A 9 -1.37 6.42 5.20
N ARG A 10 -0.11 6.28 5.55
CA ARG A 10 0.97 6.24 4.58
C ARG A 10 1.06 4.87 3.90
N VAL A 11 1.15 3.81 4.71
CA VAL A 11 1.32 2.46 4.17
C VAL A 11 0.14 2.02 3.29
N LEU A 12 -1.08 2.44 3.60
CA LEU A 12 -2.19 2.07 2.80
C LEU A 12 -2.29 2.96 1.57
N ARG A 13 -1.63 4.09 1.65
CA ARG A 13 -1.51 4.99 0.50
C ARG A 13 -0.46 4.41 -0.45
N VAL A 14 0.28 3.45 0.05
CA VAL A 14 1.22 2.75 -0.76
C VAL A 14 0.57 1.47 -1.30
N LEU A 15 0.08 0.66 -0.40
CA LEU A 15 -0.46 -0.65 -0.73
C LEU A 15 -1.64 -0.66 -1.60
N ARG A 16 -2.53 0.23 -1.41
CA ARG A 16 -3.68 0.23 -2.18
C ARG A 16 -3.42 0.70 -3.64
N PRO A 17 -2.97 1.96 -3.88
CA PRO A 17 -2.84 2.48 -5.24
C PRO A 17 -1.66 1.90 -6.00
N LEU A 18 -0.55 1.62 -5.30
CA LEU A 18 0.60 1.16 -6.02
C LEU A 18 0.52 -0.26 -6.30
N LYS A 19 -0.18 -1.00 -5.50
CA LYS A 19 -0.34 -2.40 -5.80
C LYS A 19 -1.42 -2.61 -6.79
N THR A 20 -2.23 -1.62 -6.92
CA THR A 20 -3.18 -1.61 -7.99
C THR A 20 -2.41 -1.56 -9.33
N ILE A 21 -1.40 -0.68 -9.41
CA ILE A 21 -0.60 -0.60 -10.61
C ILE A 21 0.43 -1.72 -10.68
N LYS A 22 0.95 -2.09 -9.53
CA LYS A 22 1.85 -3.24 -9.45
C LYS A 22 1.17 -4.55 -9.88
N ARG A 23 -0.17 -4.62 -9.83
CA ARG A 23 -0.91 -5.78 -10.34
C ARG A 23 -0.72 -5.97 -11.85
N LEU A 24 -0.21 -4.96 -12.54
CA LEU A 24 0.04 -5.11 -13.95
C LEU A 24 1.23 -6.06 -14.23
N PRO A 25 2.47 -5.81 -13.73
CA PRO A 25 3.59 -6.73 -13.96
C PRO A 25 3.73 -7.80 -12.88
N LYS A 26 2.91 -7.71 -11.89
CA LYS A 26 2.97 -8.64 -10.77
C LYS A 26 1.58 -9.03 -10.29
N LEU A 27 1.24 -10.27 -10.47
CA LEU A 27 -0.01 -10.76 -9.96
C LEU A 27 0.21 -11.22 -8.54
N LYS A 28 0.16 -10.29 -7.64
CA LYS A 28 0.35 -10.56 -6.25
C LYS A 28 -1.00 -10.43 -5.60
N LYS A 1 -4.19 8.69 17.72
CA LYS A 1 -3.68 8.13 16.49
C LYS A 1 -2.33 7.53 16.74
N ASP A 2 -2.22 6.26 16.48
CA ASP A 2 -1.00 5.55 16.77
C ASP A 2 -0.07 5.66 15.58
N ILE A 3 1.22 5.63 15.84
CA ILE A 3 2.22 5.76 14.81
C ILE A 3 2.21 4.50 13.96
N ASN A 4 1.78 3.39 14.55
CA ASN A 4 1.65 2.14 13.80
C ASN A 4 0.58 2.31 12.72
N THR A 5 -0.45 3.05 13.03
CA THR A 5 -1.52 3.32 12.10
C THR A 5 -0.99 4.21 10.98
N ILE A 6 -0.04 5.08 11.33
CA ILE A 6 0.61 5.93 10.33
C ILE A 6 1.44 5.07 9.39
N LYS A 7 2.02 4.03 9.92
CA LYS A 7 2.76 3.11 9.12
C LYS A 7 1.79 2.30 8.25
N SER A 8 0.56 2.16 8.74
CA SER A 8 -0.46 1.38 8.05
C SER A 8 -1.07 2.19 6.94
N LEU A 9 -1.16 3.49 7.12
CA LEU A 9 -1.61 4.32 6.06
C LEU A 9 -0.63 4.24 4.90
N ARG A 10 0.66 4.18 5.23
CA ARG A 10 1.71 4.04 4.23
C ARG A 10 1.67 2.67 3.57
N VAL A 11 1.70 1.63 4.38
CA VAL A 11 1.69 0.25 3.87
C VAL A 11 0.46 0.00 2.99
N LEU A 12 -0.67 0.54 3.38
CA LEU A 12 -1.86 0.34 2.65
C LEU A 12 -1.90 1.26 1.42
N ARG A 13 -1.14 2.33 1.47
CA ARG A 13 -0.96 3.20 0.28
C ARG A 13 -0.07 2.48 -0.71
N VAL A 14 0.59 1.44 -0.24
CA VAL A 14 1.43 0.65 -1.10
C VAL A 14 0.63 -0.51 -1.68
N LEU A 15 0.02 -1.27 -0.79
CA LEU A 15 -0.68 -2.49 -1.16
C LEU A 15 -1.81 -2.29 -2.15
N ARG A 16 -2.59 -1.29 -1.95
CA ARG A 16 -3.72 -1.08 -2.84
C ARG A 16 -3.31 -0.62 -4.26
N PRO A 17 -2.67 0.56 -4.43
CA PRO A 17 -2.40 1.09 -5.76
C PRO A 17 -1.34 0.28 -6.49
N LEU A 18 -0.37 -0.26 -5.77
CA LEU A 18 0.70 -0.92 -6.44
C LEU A 18 0.36 -2.30 -6.87
N LYS A 19 -0.57 -2.91 -6.21
CA LYS A 19 -1.00 -4.24 -6.62
C LYS A 19 -1.92 -4.14 -7.76
N THR A 20 -2.64 -3.06 -7.79
CA THR A 20 -3.49 -2.77 -8.87
C THR A 20 -2.65 -2.52 -10.16
N ILE A 21 -1.52 -1.83 -10.01
CA ILE A 21 -0.66 -1.58 -11.15
C ILE A 21 0.30 -2.73 -11.45
N LYS A 22 1.10 -3.14 -10.47
CA LYS A 22 2.11 -4.20 -10.68
C LYS A 22 1.52 -5.59 -11.02
N ARG A 23 0.21 -5.81 -10.80
CA ARG A 23 -0.41 -7.13 -11.11
C ARG A 23 -0.24 -7.52 -12.58
N LEU A 24 -0.14 -6.54 -13.46
CA LEU A 24 0.01 -6.85 -14.87
C LEU A 24 1.49 -7.01 -15.31
N PRO A 25 2.40 -6.01 -15.11
CA PRO A 25 3.79 -6.11 -15.56
C PRO A 25 4.65 -7.03 -14.69
N LYS A 26 4.09 -7.44 -13.62
CA LYS A 26 4.74 -8.37 -12.72
C LYS A 26 3.82 -9.48 -12.28
N LEU A 27 3.21 -9.32 -11.12
CA LEU A 27 2.39 -10.34 -10.50
C LEU A 27 1.64 -9.77 -9.31
N LYS A 28 0.81 -10.58 -8.72
CA LYS A 28 0.03 -10.23 -7.55
C LYS A 28 -0.62 -11.50 -7.04
N LYS A 1 1.75 10.21 19.01
CA LYS A 1 0.74 9.20 18.73
C LYS A 1 0.18 9.50 17.34
N ASP A 2 -0.80 8.68 16.85
CA ASP A 2 -1.55 8.95 15.59
C ASP A 2 -0.71 8.57 14.38
N ILE A 3 0.33 7.82 14.66
CA ILE A 3 1.25 7.33 13.63
C ILE A 3 0.48 6.38 12.72
N ASN A 4 -0.39 5.57 13.32
CA ASN A 4 -1.21 4.61 12.58
C ASN A 4 -2.09 5.33 11.56
N THR A 5 -2.58 6.50 11.93
CA THR A 5 -3.41 7.29 11.04
C THR A 5 -2.58 7.69 9.83
N ILE A 6 -1.36 8.11 10.09
CA ILE A 6 -0.44 8.51 9.04
C ILE A 6 -0.14 7.33 8.15
N LYS A 7 -0.09 6.15 8.75
CA LYS A 7 0.15 4.94 8.02
C LYS A 7 -1.08 4.54 7.26
N SER A 8 -2.22 5.08 7.63
CA SER A 8 -3.43 4.71 6.93
C SER A 8 -3.55 5.54 5.68
N LEU A 9 -3.25 6.83 5.80
CA LEU A 9 -3.26 7.70 4.65
C LEU A 9 -2.23 7.29 3.63
N ARG A 10 -1.01 7.16 4.07
CA ARG A 10 0.10 6.80 3.19
C ARG A 10 0.04 5.37 2.69
N VAL A 11 0.10 4.41 3.60
CA VAL A 11 0.18 2.99 3.22
C VAL A 11 -1.02 2.54 2.40
N LEU A 12 -2.21 3.07 2.68
CA LEU A 12 -3.37 2.65 1.90
C LEU A 12 -3.38 3.33 0.53
N ARG A 13 -2.73 4.45 0.47
CA ARG A 13 -2.56 5.17 -0.78
C ARG A 13 -1.45 4.50 -1.58
N VAL A 14 -0.75 3.60 -0.93
CA VAL A 14 0.27 2.83 -1.58
C VAL A 14 -0.31 1.49 -2.03
N LEU A 15 -0.80 0.72 -1.10
CA LEU A 15 -1.25 -0.63 -1.40
C LEU A 15 -2.51 -0.76 -2.25
N ARG A 16 -3.32 0.26 -2.31
CA ARG A 16 -4.51 0.18 -3.14
C ARG A 16 -4.22 0.52 -4.62
N PRO A 17 -3.82 1.78 -4.97
CA PRO A 17 -3.67 2.18 -6.35
C PRO A 17 -2.43 1.57 -6.98
N LEU A 18 -1.39 1.39 -6.18
CA LEU A 18 -0.17 0.93 -6.72
C LEU A 18 -0.19 -0.52 -6.91
N LYS A 19 -1.00 -1.22 -6.17
CA LYS A 19 -1.10 -2.65 -6.37
C LYS A 19 -2.04 -2.97 -7.45
N THR A 20 -2.84 -2.02 -7.76
CA THR A 20 -3.66 -2.11 -8.90
C THR A 20 -2.76 -2.08 -10.18
N ILE A 21 -1.71 -1.26 -10.17
CA ILE A 21 -0.77 -1.24 -11.29
C ILE A 21 0.35 -2.29 -11.14
N LYS A 22 0.89 -2.41 -9.94
CA LYS A 22 1.90 -3.45 -9.62
C LYS A 22 1.41 -4.89 -9.84
N ARG A 23 0.10 -5.13 -9.93
CA ARG A 23 -0.41 -6.50 -10.15
C ARG A 23 -0.14 -6.99 -11.57
N LEU A 24 0.35 -6.10 -12.43
CA LEU A 24 0.74 -6.50 -13.76
C LEU A 24 2.08 -7.28 -13.74
N PRO A 25 3.21 -6.69 -13.22
CA PRO A 25 4.47 -7.43 -13.10
C PRO A 25 4.47 -8.41 -11.93
N LYS A 26 3.54 -8.23 -11.08
CA LYS A 26 3.42 -9.05 -9.89
C LYS A 26 2.07 -9.74 -9.78
N LEU A 27 1.99 -10.87 -10.43
CA LEU A 27 0.82 -11.69 -10.39
C LEU A 27 1.19 -13.11 -10.02
N LYS A 28 0.43 -13.71 -9.17
CA LYS A 28 0.75 -15.03 -8.70
C LYS A 28 -0.04 -16.05 -9.49
N LYS A 1 3.19 11.44 18.08
CA LYS A 1 1.97 10.64 17.94
C LYS A 1 1.69 10.36 16.48
N ASP A 2 0.58 9.64 16.22
CA ASP A 2 0.13 9.30 14.86
C ASP A 2 1.09 8.40 14.11
N ILE A 3 1.76 7.58 14.85
CA ILE A 3 2.70 6.61 14.29
C ILE A 3 1.91 5.61 13.45
N ASN A 4 0.82 5.11 14.01
CA ASN A 4 0.02 4.16 13.28
C ASN A 4 -0.72 4.84 12.15
N THR A 5 -0.98 6.10 12.30
CA THR A 5 -1.67 6.84 11.28
C THR A 5 -0.82 6.90 10.01
N ILE A 6 0.48 7.15 10.15
CA ILE A 6 1.33 7.28 9.02
C ILE A 6 1.60 5.91 8.43
N LYS A 7 1.49 4.89 9.28
CA LYS A 7 1.61 3.54 8.92
C LYS A 7 0.37 3.13 8.11
N SER A 8 -0.69 3.88 8.28
CA SER A 8 -1.90 3.63 7.54
C SER A 8 -1.89 4.46 6.28
N LEU A 9 -1.54 5.73 6.43
CA LEU A 9 -1.50 6.66 5.32
C LEU A 9 -0.58 6.19 4.23
N ARG A 10 0.69 6.13 4.53
CA ARG A 10 1.68 5.77 3.53
C ARG A 10 1.52 4.33 3.04
N VAL A 11 1.56 3.41 3.97
CA VAL A 11 1.55 1.99 3.65
C VAL A 11 0.28 1.56 2.90
N LEU A 12 -0.86 2.13 3.23
CA LEU A 12 -2.07 1.76 2.51
C LEU A 12 -2.16 2.46 1.19
N ARG A 13 -1.46 3.55 1.09
CA ARG A 13 -1.31 4.27 -0.20
C ARG A 13 -0.35 3.52 -1.09
N VAL A 14 0.35 2.57 -0.52
CA VAL A 14 1.22 1.74 -1.27
C VAL A 14 0.53 0.42 -1.61
N LEU A 15 0.17 -0.32 -0.57
CA LEU A 15 -0.32 -1.69 -0.73
C LEU A 15 -1.69 -1.82 -1.37
N ARG A 16 -2.51 -0.83 -1.27
CA ARG A 16 -3.81 -0.94 -1.87
C ARG A 16 -3.84 -0.50 -3.35
N PRO A 17 -3.41 0.75 -3.69
CA PRO A 17 -3.48 1.25 -5.05
C PRO A 17 -2.46 0.56 -5.93
N LEU A 18 -1.29 0.29 -5.42
CA LEU A 18 -0.27 -0.26 -6.27
C LEU A 18 -0.51 -1.68 -6.56
N LYS A 19 -1.17 -2.37 -5.67
CA LYS A 19 -1.51 -3.75 -5.93
C LYS A 19 -2.67 -3.84 -6.82
N THR A 20 -3.38 -2.77 -6.90
CA THR A 20 -4.40 -2.66 -7.88
C THR A 20 -3.74 -2.76 -9.28
N ILE A 21 -2.64 -2.02 -9.50
CA ILE A 21 -1.93 -2.09 -10.77
C ILE A 21 -1.05 -3.33 -10.86
N LYS A 22 -0.19 -3.51 -9.89
CA LYS A 22 0.78 -4.63 -9.87
C LYS A 22 0.16 -6.04 -10.03
N ARG A 23 -1.08 -6.21 -9.63
CA ARG A 23 -1.70 -7.51 -9.79
C ARG A 23 -2.30 -7.70 -11.17
N LEU A 24 -2.20 -6.70 -12.01
CA LEU A 24 -2.67 -6.84 -13.37
C LEU A 24 -1.67 -7.69 -14.17
N PRO A 25 -0.33 -7.38 -14.17
CA PRO A 25 0.66 -8.24 -14.79
C PRO A 25 1.27 -9.23 -13.81
N LYS A 26 0.85 -9.09 -12.58
CA LYS A 26 1.26 -9.93 -11.45
C LYS A 26 2.77 -9.89 -11.19
N LEU A 27 3.16 -8.90 -10.45
CA LEU A 27 4.52 -8.78 -9.98
C LEU A 27 4.49 -8.42 -8.52
N LYS A 28 5.55 -8.70 -7.82
CA LYS A 28 5.62 -8.45 -6.42
C LYS A 28 6.89 -7.70 -6.11
N LYS A 1 -1.89 12.26 15.59
CA LYS A 1 -1.26 12.04 16.89
C LYS A 1 -0.50 10.70 16.95
N ASP A 2 -1.18 9.59 16.70
CA ASP A 2 -0.58 8.27 16.78
C ASP A 2 0.28 7.98 15.57
N ILE A 3 1.47 7.51 15.84
CA ILE A 3 2.46 7.28 14.80
C ILE A 3 2.05 6.11 13.94
N ASN A 4 1.42 5.13 14.55
CA ASN A 4 0.97 3.97 13.81
C ASN A 4 -0.18 4.32 12.86
N THR A 5 -1.07 5.20 13.29
CA THR A 5 -2.12 5.67 12.39
C THR A 5 -1.51 6.47 11.23
N ILE A 6 -0.33 7.03 11.47
CA ILE A 6 0.40 7.71 10.41
C ILE A 6 1.06 6.68 9.50
N LYS A 7 1.38 5.51 10.05
CA LYS A 7 1.93 4.46 9.25
C LYS A 7 0.85 3.84 8.41
N SER A 8 -0.40 4.05 8.81
CA SER A 8 -1.52 3.55 8.05
C SER A 8 -1.62 4.37 6.77
N LEU A 9 -1.21 5.61 6.88
CA LEU A 9 -1.21 6.51 5.77
C LEU A 9 -0.14 6.06 4.80
N ARG A 10 1.09 6.00 5.27
CA ARG A 10 2.22 5.63 4.43
C ARG A 10 2.06 4.20 3.88
N VAL A 11 2.01 3.21 4.77
CA VAL A 11 1.99 1.80 4.39
C VAL A 11 0.80 1.47 3.48
N LEU A 12 -0.37 2.00 3.78
CA LEU A 12 -1.53 1.66 2.96
C LEU A 12 -1.60 2.50 1.70
N ARG A 13 -0.90 3.60 1.69
CA ARG A 13 -0.79 4.40 0.47
C ARG A 13 0.25 3.77 -0.44
N VAL A 14 0.96 2.80 0.10
CA VAL A 14 1.88 2.03 -0.66
C VAL A 14 1.19 0.77 -1.17
N LEU A 15 0.69 -0.03 -0.23
CA LEU A 15 0.09 -1.32 -0.54
C LEU A 15 -1.10 -1.25 -1.47
N ARG A 16 -2.02 -0.38 -1.17
CA ARG A 16 -3.28 -0.33 -1.93
C ARG A 16 -3.08 0.07 -3.41
N PRO A 17 -2.45 1.24 -3.73
CA PRO A 17 -2.34 1.71 -5.10
C PRO A 17 -1.37 0.85 -5.88
N LEU A 18 -0.31 0.37 -5.23
CA LEU A 18 0.68 -0.35 -5.92
C LEU A 18 0.23 -1.72 -6.25
N LYS A 19 -0.63 -2.28 -5.44
CA LYS A 19 -1.18 -3.59 -5.74
C LYS A 19 -2.18 -3.51 -6.82
N THR A 20 -2.77 -2.39 -6.94
CA THR A 20 -3.66 -2.15 -8.00
C THR A 20 -2.88 -1.99 -9.34
N ILE A 21 -1.63 -1.57 -9.26
CA ILE A 21 -0.78 -1.42 -10.43
C ILE A 21 -0.05 -2.73 -10.69
N LYS A 22 0.80 -3.07 -9.74
CA LYS A 22 1.66 -4.26 -9.80
C LYS A 22 0.91 -5.58 -10.02
N ARG A 23 -0.42 -5.60 -9.77
CA ARG A 23 -1.20 -6.82 -10.02
C ARG A 23 -1.09 -7.27 -11.49
N LEU A 24 -0.91 -6.31 -12.42
CA LEU A 24 -0.80 -6.64 -13.83
C LEU A 24 0.50 -7.41 -14.18
N PRO A 25 1.72 -6.92 -13.81
CA PRO A 25 2.94 -7.69 -14.04
C PRO A 25 3.25 -8.68 -12.91
N LYS A 26 2.32 -8.85 -12.03
CA LYS A 26 2.43 -9.78 -10.95
C LYS A 26 2.23 -11.20 -11.45
N LEU A 27 3.30 -11.96 -11.48
CA LEU A 27 3.24 -13.37 -11.82
C LEU A 27 2.56 -14.10 -10.68
N LYS A 28 1.51 -14.78 -10.99
CA LYS A 28 0.74 -15.46 -10.00
C LYS A 28 0.93 -16.94 -10.17
N LYS A 1 -2.54 7.36 17.65
CA LYS A 1 -3.25 7.66 16.41
C LYS A 1 -2.32 7.71 15.16
N ASP A 2 -1.43 8.72 15.08
CA ASP A 2 -0.62 8.97 13.87
C ASP A 2 0.28 7.82 13.49
N ILE A 3 0.81 7.13 14.47
CA ILE A 3 1.68 6.02 14.27
C ILE A 3 0.98 4.85 13.52
N ASN A 4 -0.34 4.87 13.47
CA ASN A 4 -1.07 3.89 12.68
C ASN A 4 -1.61 4.53 11.41
N THR A 5 -1.87 5.81 11.49
CA THR A 5 -2.31 6.58 10.34
C THR A 5 -1.21 6.56 9.28
N ILE A 6 0.05 6.64 9.72
CA ILE A 6 1.17 6.54 8.84
C ILE A 6 1.22 5.13 8.21
N LYS A 7 0.77 4.13 8.97
CA LYS A 7 0.74 2.78 8.47
C LYS A 7 -0.44 2.60 7.54
N SER A 8 -1.27 3.61 7.48
CA SER A 8 -2.34 3.59 6.55
C SER A 8 -1.99 4.44 5.31
N LEU A 9 -1.88 5.76 5.50
CA LEU A 9 -1.68 6.69 4.40
C LEU A 9 -0.33 6.58 3.70
N ARG A 10 0.66 6.08 4.36
CA ARG A 10 1.93 5.86 3.71
C ARG A 10 1.98 4.45 3.16
N VAL A 11 1.97 3.50 4.06
CA VAL A 11 2.09 2.07 3.76
C VAL A 11 1.09 1.61 2.72
N LEU A 12 -0.16 1.94 2.92
CA LEU A 12 -1.20 1.45 2.04
C LEU A 12 -1.27 2.24 0.77
N ARG A 13 -0.75 3.43 0.79
CA ARG A 13 -0.67 4.21 -0.42
C ARG A 13 0.53 3.77 -1.25
N VAL A 14 1.31 2.88 -0.70
CA VAL A 14 2.36 2.26 -1.45
C VAL A 14 1.90 0.86 -1.89
N LEU A 15 1.50 0.07 -0.91
CA LEU A 15 1.15 -1.32 -1.15
C LEU A 15 -0.13 -1.52 -1.94
N ARG A 16 -1.10 -0.68 -1.77
CA ARG A 16 -2.35 -0.85 -2.49
C ARG A 16 -2.24 -0.48 -3.98
N PRO A 17 -1.84 0.77 -4.34
CA PRO A 17 -1.86 1.21 -5.73
C PRO A 17 -0.80 0.52 -6.55
N LEU A 18 0.32 0.19 -5.93
CA LEU A 18 1.36 -0.44 -6.66
C LEU A 18 1.02 -1.85 -6.93
N LYS A 19 0.29 -2.47 -6.06
CA LYS A 19 -0.10 -3.84 -6.30
C LYS A 19 -1.25 -3.94 -7.21
N THR A 20 -1.90 -2.86 -7.40
CA THR A 20 -2.88 -2.78 -8.41
C THR A 20 -2.17 -2.87 -9.78
N ILE A 21 -1.01 -2.22 -9.88
CA ILE A 21 -0.20 -2.26 -11.09
C ILE A 21 0.53 -3.60 -11.15
N LYS A 22 1.40 -3.77 -10.18
CA LYS A 22 2.28 -4.93 -10.08
C LYS A 22 1.60 -6.29 -9.95
N ARG A 23 0.27 -6.34 -9.80
CA ARG A 23 -0.42 -7.62 -9.77
C ARG A 23 -0.34 -8.31 -11.13
N LEU A 24 -0.07 -7.54 -12.18
CA LEU A 24 0.12 -8.10 -13.50
C LEU A 24 1.46 -8.88 -13.58
N PRO A 25 2.65 -8.23 -13.32
CA PRO A 25 3.91 -8.96 -13.28
C PRO A 25 4.15 -9.69 -11.95
N LYS A 26 3.12 -9.81 -11.16
CA LYS A 26 3.15 -10.62 -9.98
C LYS A 26 3.18 -12.06 -10.42
N LEU A 27 4.10 -12.82 -9.82
CA LEU A 27 4.42 -14.18 -10.24
C LEU A 27 4.96 -14.12 -11.65
N LYS A 28 6.11 -13.51 -11.75
CA LYS A 28 6.79 -13.29 -12.99
C LYS A 28 7.88 -14.33 -13.12
#